data_1CWQ
#
_entry.id   1CWQ
#
_cell.length_a   61.080
_cell.length_b   61.080
_cell.length_c   110.400
_cell.angle_alpha   90.00
_cell.angle_beta   90.00
_cell.angle_gamma   120.00
#
_symmetry.space_group_name_H-M   'P 63'
#
loop_
_entity.id
_entity.type
_entity.pdbx_description
1 polymer 'BACTERIORHODOPSIN ("M" STATE INTERMEDIATE IN COMBINATION WITH GROUND STATE)'
2 non-polymer RETINAL
3 non-polymer UNDECANE
4 non-polymer N-OCTANE
5 non-polymer HEXANE
6 non-polymer TRIDECANE
7 water water
#
_entity_poly.entity_id   1
_entity_poly.type   'polypeptide(L)'
_entity_poly.pdbx_seq_one_letter_code
;MQAQITGRPEWIWLALGTALMGLGTLYFLVKGMGVSDPDAKKFYAITTLVPAIAFTMYLSMLLGYGLTMVPFGGEQNPIY
WARYADWLFTTPLLLLDLALLVDADQGTILALVGADGIMIGTGLVGALTKVYSYRFVWWAISTAAMLYILYVLFFGFTSK
AESMRPEVASTFKVLRNVTVVLWSAYPVVWLIGSEGAGIVPLNIETLLFMVLDVSAKVGFGLILLRSRAIFGEAEAPEPS
ADGAAATS
;
_entity_poly.pdbx_strand_id   A,B
#
loop_
_chem_comp.id
_chem_comp.type
_chem_comp.name
_chem_comp.formula
HEX non-polymer HEXANE 'C6 H14'
OCT non-polymer N-OCTANE 'C8 H18'
RET non-polymer RETINAL 'C20 H28 O'
TRD non-polymer TRIDECANE 'C13 H28'
UND non-polymer UNDECANE 'C11 H24'
#
# COMPACT_ATOMS: atom_id res chain seq x y z
N ALA A 3 14.39 -21.64 -4.42
CA ALA A 3 14.36 -21.06 -3.05
C ALA A 3 15.63 -21.44 -2.28
N GLN A 4 16.62 -21.95 -3.00
CA GLN A 4 17.88 -22.35 -2.39
C GLN A 4 18.79 -21.13 -2.21
N ILE A 5 19.32 -20.63 -3.33
CA ILE A 5 20.20 -19.47 -3.29
C ILE A 5 19.42 -18.23 -3.69
N THR A 6 18.29 -18.43 -4.35
CA THR A 6 17.44 -17.33 -4.79
C THR A 6 16.92 -16.59 -3.56
N GLY A 7 16.02 -17.22 -2.82
CA GLY A 7 15.46 -16.61 -1.64
C GLY A 7 15.55 -17.56 -0.45
N ARG A 8 16.15 -17.10 0.64
CA ARG A 8 16.27 -17.94 1.83
C ARG A 8 16.52 -17.11 3.10
N PRO A 9 17.61 -16.32 3.13
CA PRO A 9 17.92 -15.52 4.32
C PRO A 9 16.75 -14.61 4.73
N GLU A 10 16.03 -14.12 3.73
CA GLU A 10 14.90 -13.23 3.96
C GLU A 10 13.62 -13.94 4.41
N TRP A 11 13.67 -15.26 4.51
CA TRP A 11 12.47 -16.00 4.90
C TRP A 11 11.83 -15.50 6.20
N ILE A 12 12.66 -15.17 7.19
CA ILE A 12 12.21 -14.70 8.49
C ILE A 12 11.26 -13.50 8.37
N TRP A 13 11.64 -12.53 7.55
CA TRP A 13 10.83 -11.33 7.36
C TRP A 13 9.54 -11.67 6.62
N LEU A 14 9.64 -12.60 5.66
CA LEU A 14 8.48 -13.03 4.89
C LEU A 14 7.52 -13.75 5.83
N ALA A 15 8.07 -14.59 6.70
CA ALA A 15 7.26 -15.32 7.67
C ALA A 15 6.59 -14.35 8.64
N LEU A 16 7.36 -13.42 9.20
CA LEU A 16 6.81 -12.45 10.13
C LEU A 16 5.78 -11.61 9.38
N GLY A 17 6.10 -11.23 8.14
CA GLY A 17 5.19 -10.45 7.33
C GLY A 17 3.86 -11.16 7.23
N THR A 18 3.91 -12.42 6.80
CA THR A 18 2.72 -13.23 6.67
C THR A 18 1.91 -13.24 7.97
N ALA A 19 2.58 -13.51 9.08
CA ALA A 19 1.93 -13.57 10.38
C ALA A 19 1.25 -12.26 10.78
N LEU A 20 1.98 -11.15 10.72
CA LEU A 20 1.42 -9.86 11.09
C LEU A 20 0.23 -9.48 10.23
N MET A 21 0.25 -9.87 8.96
CA MET A 21 -0.85 -9.55 8.05
C MET A 21 -2.05 -10.45 8.35
N GLY A 22 -1.79 -11.69 8.74
CA GLY A 22 -2.87 -12.61 9.04
C GLY A 22 -3.65 -12.14 10.26
N LEU A 23 -2.93 -11.89 11.34
CA LEU A 23 -3.52 -11.44 12.59
C LEU A 23 -4.24 -10.11 12.40
N GLY A 24 -3.68 -9.24 11.59
CA GLY A 24 -4.31 -7.96 11.33
C GLY A 24 -5.66 -8.17 10.67
N THR A 25 -5.70 -9.04 9.68
CA THR A 25 -6.96 -9.34 8.99
C THR A 25 -7.97 -9.91 9.98
N LEU A 26 -7.53 -10.83 10.82
CA LEU A 26 -8.43 -11.46 11.80
C LEU A 26 -8.95 -10.45 12.81
N TYR A 27 -8.11 -9.50 13.21
CA TYR A 27 -8.53 -8.48 14.16
C TYR A 27 -9.57 -7.54 13.55
N PHE A 28 -9.32 -7.05 12.33
CA PHE A 28 -10.28 -6.16 11.69
C PHE A 28 -11.57 -6.91 11.41
N LEU A 29 -11.45 -8.20 11.12
CA LEU A 29 -12.59 -9.05 10.85
C LEU A 29 -13.51 -9.07 12.08
N VAL A 30 -12.95 -9.38 13.24
CA VAL A 30 -13.71 -9.40 14.47
C VAL A 30 -14.29 -8.02 14.76
N LYS A 31 -13.47 -6.99 14.59
CA LYS A 31 -13.89 -5.61 14.82
C LYS A 31 -15.12 -5.21 14.03
N GLY A 32 -15.20 -5.65 12.77
CA GLY A 32 -16.33 -5.29 11.94
C GLY A 32 -17.65 -5.98 12.27
N MET A 33 -17.59 -7.03 13.08
CA MET A 33 -18.80 -7.75 13.46
C MET A 33 -19.77 -6.88 14.25
N GLY A 34 -20.98 -6.71 13.73
CA GLY A 34 -21.98 -5.92 14.40
C GLY A 34 -22.24 -4.58 13.73
N VAL A 35 -21.22 -4.03 13.09
CA VAL A 35 -21.34 -2.75 12.42
C VAL A 35 -22.49 -2.77 11.43
N SER A 36 -23.55 -2.02 11.74
CA SER A 36 -24.71 -1.94 10.89
C SER A 36 -24.69 -0.67 10.05
N ASP A 37 -23.90 0.30 10.51
CA ASP A 37 -23.76 1.58 9.83
C ASP A 37 -23.30 1.38 8.38
N PRO A 38 -24.07 1.88 7.42
CA PRO A 38 -23.74 1.74 5.99
C PRO A 38 -22.33 2.23 5.64
N ASP A 39 -22.04 3.49 5.92
CA ASP A 39 -20.73 4.06 5.63
C ASP A 39 -19.62 3.32 6.38
N ALA A 40 -19.87 3.00 7.64
CA ALA A 40 -18.89 2.27 8.44
C ALA A 40 -18.57 0.96 7.74
N LYS A 41 -19.61 0.32 7.20
CA LYS A 41 -19.47 -0.94 6.48
C LYS A 41 -18.46 -0.84 5.34
N LYS A 42 -18.42 0.30 4.66
CA LYS A 42 -17.49 0.48 3.56
C LYS A 42 -16.04 0.50 4.03
N PHE A 43 -15.78 1.28 5.06
CA PHE A 43 -14.43 1.39 5.61
C PHE A 43 -13.90 0.08 6.17
N TYR A 44 -14.79 -0.72 6.75
CA TYR A 44 -14.38 -2.00 7.31
C TYR A 44 -14.05 -3.00 6.22
N ALA A 45 -14.90 -3.08 5.21
CA ALA A 45 -14.71 -3.99 4.09
C ALA A 45 -13.38 -3.72 3.39
N ILE A 46 -13.19 -2.46 3.00
CA ILE A 46 -11.98 -2.01 2.33
C ILE A 46 -10.74 -2.29 3.16
N THR A 47 -10.77 -1.81 4.39
CA THR A 47 -9.65 -1.94 5.30
C THR A 47 -9.32 -3.37 5.75
N THR A 48 -10.30 -4.26 5.74
CA THR A 48 -10.07 -5.63 6.15
C THR A 48 -9.39 -6.40 5.00
N LEU A 49 -9.89 -6.17 3.80
CA LEU A 49 -9.38 -6.80 2.59
C LEU A 49 -7.91 -6.50 2.31
N VAL A 50 -7.49 -5.28 2.66
CA VAL A 50 -6.11 -4.87 2.45
C VAL A 50 -5.11 -5.85 3.04
N PRO A 51 -5.14 -6.05 4.38
CA PRO A 51 -4.19 -7.00 4.96
C PRO A 51 -4.44 -8.44 4.54
N ALA A 52 -5.67 -8.74 4.15
CA ALA A 52 -6.06 -10.08 3.73
C ALA A 52 -5.34 -10.43 2.44
N ILE A 53 -5.34 -9.49 1.51
CA ILE A 53 -4.68 -9.65 0.23
C ILE A 53 -3.17 -9.75 0.44
N ALA A 54 -2.62 -8.84 1.25
CA ALA A 54 -1.19 -8.87 1.52
C ALA A 54 -0.80 -10.20 2.19
N PHE A 55 -1.66 -10.68 3.08
CA PHE A 55 -1.41 -11.95 3.75
C PHE A 55 -1.17 -13.03 2.68
N THR A 56 -2.07 -13.08 1.70
CA THR A 56 -1.98 -14.05 0.61
C THR A 56 -0.67 -13.96 -0.18
N MET A 57 -0.26 -12.73 -0.51
CA MET A 57 0.96 -12.52 -1.28
C MET A 57 2.24 -12.73 -0.48
N TYR A 58 2.21 -12.38 0.80
CA TYR A 58 3.37 -12.60 1.66
C TYR A 58 3.61 -14.10 1.76
N LEU A 59 2.54 -14.88 1.80
CA LEU A 59 2.66 -16.33 1.88
C LEU A 59 3.20 -16.89 0.56
N SER A 60 2.76 -16.31 -0.55
CA SER A 60 3.24 -16.76 -1.85
C SER A 60 4.75 -16.55 -1.92
N MET A 61 5.24 -15.45 -1.35
CA MET A 61 6.67 -15.16 -1.34
C MET A 61 7.41 -16.09 -0.37
N LEU A 62 6.77 -16.40 0.75
CA LEU A 62 7.37 -17.28 1.74
C LEU A 62 7.53 -18.70 1.20
N LEU A 63 6.52 -19.18 0.47
CA LEU A 63 6.55 -20.51 -0.12
C LEU A 63 7.36 -20.56 -1.40
N GLY A 64 7.78 -19.40 -1.89
CA GLY A 64 8.60 -19.34 -3.08
C GLY A 64 7.85 -19.12 -4.38
N TYR A 65 6.53 -19.21 -4.34
CA TYR A 65 5.70 -19.02 -5.53
C TYR A 65 5.83 -17.63 -6.15
N GLY A 66 5.76 -16.61 -5.31
CA GLY A 66 5.84 -15.23 -5.80
C GLY A 66 7.25 -14.69 -6.00
N LEU A 67 8.17 -15.60 -6.33
CA LEU A 67 9.57 -15.25 -6.58
C LEU A 67 9.98 -15.73 -7.96
N THR A 68 10.72 -14.89 -8.69
CA THR A 68 11.20 -15.25 -10.02
C THR A 68 12.59 -14.68 -10.24
N MET A 69 13.34 -15.28 -11.15
CA MET A 69 14.69 -14.81 -11.48
C MET A 69 14.64 -13.91 -12.70
N VAL A 70 15.30 -12.75 -12.62
CA VAL A 70 15.31 -11.80 -13.73
C VAL A 70 16.75 -11.49 -14.12
N PRO A 71 17.12 -11.85 -15.36
CA PRO A 71 18.47 -11.61 -15.85
C PRO A 71 18.74 -10.15 -16.20
N PHE A 72 19.75 -9.56 -15.57
CA PHE A 72 20.15 -8.19 -15.84
C PHE A 72 21.44 -7.90 -15.07
N GLY A 73 22.26 -6.99 -15.59
CA GLY A 73 23.51 -6.69 -14.94
C GLY A 73 24.42 -7.90 -15.09
N GLY A 74 24.04 -8.81 -15.99
CA GLY A 74 24.82 -10.00 -16.22
C GLY A 74 24.77 -10.93 -15.02
N GLU A 75 23.55 -11.29 -14.61
CA GLU A 75 23.35 -12.15 -13.46
C GLU A 75 21.88 -12.54 -13.33
N GLN A 76 21.59 -13.48 -12.43
CA GLN A 76 20.23 -13.92 -12.17
C GLN A 76 19.78 -13.25 -10.86
N ASN A 77 18.95 -12.24 -10.99
CA ASN A 77 18.46 -11.48 -9.85
C ASN A 77 17.10 -11.94 -9.32
N PRO A 78 17.05 -12.34 -8.05
CA PRO A 78 15.82 -12.81 -7.39
C PRO A 78 14.83 -11.66 -7.27
N ILE A 79 13.71 -11.76 -7.98
CA ILE A 79 12.70 -10.71 -7.96
C ILE A 79 11.36 -11.17 -7.41
N TYR A 80 10.89 -10.55 -6.35
CA TYR A 80 9.60 -10.92 -5.79
C TYR A 80 8.53 -10.13 -6.54
N TRP A 81 7.98 -10.75 -7.58
CA TRP A 81 6.95 -10.11 -8.38
C TRP A 81 5.64 -10.06 -7.61
N ALA A 82 5.48 -10.99 -6.67
CA ALA A 82 4.26 -11.06 -5.86
C ALA A 82 3.87 -9.73 -5.21
N ARG A 83 4.86 -8.92 -4.85
CA ARG A 83 4.57 -7.63 -4.23
C ARG A 83 3.70 -6.76 -5.12
N TYR A 84 3.95 -6.79 -6.43
CA TYR A 84 3.16 -5.97 -7.36
C TYR A 84 1.70 -6.44 -7.46
N ALA A 85 1.48 -7.75 -7.38
CA ALA A 85 0.12 -8.30 -7.46
C ALA A 85 -0.65 -7.81 -6.23
N ASP A 86 0.06 -7.74 -5.11
CA ASP A 86 -0.48 -7.28 -3.84
C ASP A 86 -0.89 -5.81 -4.01
N TRP A 87 0.12 -4.97 -4.25
CA TRP A 87 -0.06 -3.54 -4.39
C TRP A 87 -1.07 -3.13 -5.45
N LEU A 88 -1.14 -3.89 -6.54
CA LEU A 88 -2.09 -3.56 -7.59
C LEU A 88 -3.47 -3.33 -7.00
N PHE A 89 -3.86 -4.16 -6.03
CA PHE A 89 -5.17 -4.08 -5.40
C PHE A 89 -5.21 -3.35 -4.05
N THR A 90 -4.15 -3.49 -3.26
CA THR A 90 -4.15 -2.85 -1.95
C THR A 90 -3.96 -1.33 -1.99
N THR A 91 -3.06 -0.83 -2.84
CA THR A 91 -2.86 0.62 -2.90
C THR A 91 -4.09 1.39 -3.35
N PRO A 92 -4.84 0.88 -4.34
CA PRO A 92 -6.04 1.62 -4.78
C PRO A 92 -7.07 1.59 -3.65
N LEU A 93 -7.13 0.46 -2.95
CA LEU A 93 -8.05 0.29 -1.84
C LEU A 93 -7.78 1.27 -0.70
N LEU A 94 -6.49 1.47 -0.40
CA LEU A 94 -6.13 2.41 0.67
C LEU A 94 -6.53 3.83 0.23
N LEU A 95 -6.34 4.13 -1.05
CA LEU A 95 -6.70 5.43 -1.61
C LEU A 95 -8.23 5.62 -1.54
N LEU A 96 -8.97 4.52 -1.67
CA LEU A 96 -10.44 4.57 -1.61
C LEU A 96 -10.84 4.98 -0.19
N ASP A 97 -10.12 4.48 0.80
CA ASP A 97 -10.39 4.81 2.21
C ASP A 97 -10.26 6.33 2.42
N LEU A 98 -9.17 6.91 1.94
CA LEU A 98 -8.94 8.36 2.09
C LEU A 98 -9.94 9.18 1.30
N ALA A 99 -10.22 8.76 0.08
CA ALA A 99 -11.14 9.45 -0.82
C ALA A 99 -12.58 9.42 -0.29
N LEU A 100 -12.98 8.28 0.25
CA LEU A 100 -14.32 8.10 0.77
C LEU A 100 -14.53 8.95 2.04
N LEU A 101 -13.48 9.10 2.84
CA LEU A 101 -13.55 9.90 4.05
C LEU A 101 -14.00 11.32 3.71
N VAL A 102 -13.32 11.94 2.74
CA VAL A 102 -13.64 13.30 2.31
C VAL A 102 -14.74 13.37 1.27
N ASP A 103 -15.37 12.24 0.96
CA ASP A 103 -16.43 12.21 -0.04
C ASP A 103 -15.95 12.85 -1.34
N ALA A 104 -14.77 12.43 -1.79
CA ALA A 104 -14.19 12.95 -3.01
C ALA A 104 -15.13 12.74 -4.19
N ASP A 105 -14.91 13.53 -5.23
CA ASP A 105 -15.71 13.44 -6.45
C ASP A 105 -15.32 12.18 -7.19
N GLN A 106 -16.23 11.66 -8.02
CA GLN A 106 -15.96 10.47 -8.80
C GLN A 106 -14.71 10.72 -9.64
N GLY A 107 -14.71 11.84 -10.36
CA GLY A 107 -13.58 12.19 -11.20
C GLY A 107 -12.26 12.13 -10.47
N THR A 108 -12.23 12.54 -9.21
CA THR A 108 -11.00 12.53 -8.44
C THR A 108 -10.61 11.09 -8.08
N ILE A 109 -11.59 10.26 -7.78
CA ILE A 109 -11.34 8.85 -7.45
C ILE A 109 -10.75 8.13 -8.65
N LEU A 110 -11.36 8.33 -9.81
CA LEU A 110 -10.91 7.73 -11.04
C LEU A 110 -9.43 8.10 -11.28
N ALA A 111 -9.12 9.40 -11.19
CA ALA A 111 -7.76 9.88 -11.37
C ALA A 111 -6.78 9.22 -10.39
N LEU A 112 -7.17 9.17 -9.11
CA LEU A 112 -6.33 8.54 -8.09
C LEU A 112 -6.10 7.07 -8.41
N VAL A 113 -7.17 6.36 -8.76
CA VAL A 113 -7.07 4.94 -9.08
C VAL A 113 -6.23 4.68 -10.32
N GLY A 114 -6.51 5.41 -11.39
CA GLY A 114 -5.76 5.25 -12.63
C GLY A 114 -4.28 5.53 -12.42
N ALA A 115 -3.97 6.64 -11.73
CA ALA A 115 -2.59 6.98 -11.49
C ALA A 115 -1.87 5.89 -10.69
N ASP A 116 -2.60 5.25 -9.78
CA ASP A 116 -2.01 4.20 -8.95
C ASP A 116 -1.73 2.95 -9.78
N GLY A 117 -2.66 2.60 -10.66
CA GLY A 117 -2.48 1.45 -11.52
C GLY A 117 -1.25 1.65 -12.39
N ILE A 118 -1.03 2.89 -12.83
CA ILE A 118 0.13 3.16 -13.64
C ILE A 118 1.40 2.99 -12.80
N MET A 119 1.38 3.55 -11.59
CA MET A 119 2.49 3.47 -10.65
C MET A 119 2.93 2.02 -10.42
N ILE A 120 1.96 1.16 -10.11
CA ILE A 120 2.21 -0.25 -9.86
C ILE A 120 2.60 -1.00 -11.12
N GLY A 121 1.84 -0.78 -12.20
CA GLY A 121 2.14 -1.45 -13.46
C GLY A 121 3.53 -1.13 -13.96
N THR A 122 3.92 0.14 -13.95
CA THR A 122 5.25 0.51 -14.38
C THR A 122 6.31 0.00 -13.41
N GLY A 123 5.96 -0.07 -12.13
CA GLY A 123 6.91 -0.58 -11.15
C GLY A 123 7.19 -2.05 -11.48
N LEU A 124 6.15 -2.78 -11.83
CA LEU A 124 6.28 -4.19 -12.17
C LEU A 124 7.12 -4.36 -13.44
N VAL A 125 6.88 -3.54 -14.45
CA VAL A 125 7.65 -3.66 -15.67
C VAL A 125 9.13 -3.38 -15.41
N GLY A 126 9.42 -2.42 -14.53
CA GLY A 126 10.79 -2.10 -14.21
C GLY A 126 11.45 -3.24 -13.47
N ALA A 127 10.67 -3.91 -12.63
CA ALA A 127 11.12 -5.05 -11.83
C ALA A 127 11.48 -6.27 -12.69
N LEU A 128 10.82 -6.39 -13.83
CA LEU A 128 11.05 -7.52 -14.73
C LEU A 128 11.86 -7.18 -15.99
N THR A 129 12.18 -5.91 -16.18
CA THR A 129 12.94 -5.49 -17.36
C THR A 129 14.36 -6.07 -17.41
N LYS A 130 14.71 -6.66 -18.56
CA LYS A 130 16.00 -7.30 -18.76
C LYS A 130 17.20 -6.36 -18.97
N VAL A 131 16.94 -5.17 -19.48
CA VAL A 131 17.99 -4.18 -19.71
C VAL A 131 18.10 -3.30 -18.45
N TYR A 132 19.22 -3.41 -17.75
CA TYR A 132 19.46 -2.66 -16.51
C TYR A 132 19.11 -1.17 -16.54
N SER A 133 19.73 -0.42 -17.44
CA SER A 133 19.48 1.02 -17.52
C SER A 133 18.00 1.37 -17.67
N TYR A 134 17.28 0.59 -18.46
CA TYR A 134 15.85 0.82 -18.70
C TYR A 134 15.00 0.62 -17.44
N ARG A 135 15.50 -0.18 -16.49
CA ARG A 135 14.74 -0.42 -15.25
C ARG A 135 14.47 0.88 -14.52
N PHE A 136 15.41 1.81 -14.59
CA PHE A 136 15.29 3.10 -13.93
C PHE A 136 14.39 4.08 -14.67
N VAL A 137 14.16 3.81 -15.96
CA VAL A 137 13.28 4.66 -16.75
C VAL A 137 11.87 4.38 -16.25
N TRP A 138 11.59 3.09 -16.00
CA TRP A 138 10.28 2.70 -15.50
C TRP A 138 10.12 3.19 -14.06
N TRP A 139 11.22 3.21 -13.32
CA TRP A 139 11.19 3.70 -11.94
C TRP A 139 10.79 5.18 -11.92
N ALA A 140 11.38 5.97 -12.81
CA ALA A 140 11.08 7.41 -12.90
C ALA A 140 9.61 7.70 -13.18
N ILE A 141 9.03 6.95 -14.12
CA ILE A 141 7.62 7.11 -14.49
C ILE A 141 6.69 6.71 -13.34
N SER A 142 7.00 5.59 -12.69
CA SER A 142 6.20 5.16 -11.56
C SER A 142 6.28 6.22 -10.47
N THR A 143 7.47 6.80 -10.28
CA THR A 143 7.67 7.82 -9.26
C THR A 143 6.84 9.06 -9.57
N ALA A 144 6.74 9.42 -10.85
CA ALA A 144 5.96 10.57 -11.26
C ALA A 144 4.49 10.30 -10.95
N ALA A 145 4.07 9.06 -11.15
CA ALA A 145 2.70 8.64 -10.87
C ALA A 145 2.44 8.82 -9.38
N MET A 146 3.40 8.38 -8.57
CA MET A 146 3.24 8.51 -7.12
C MET A 146 3.15 9.97 -6.71
N LEU A 147 4.03 10.80 -7.26
CA LEU A 147 4.05 12.22 -6.93
C LEU A 147 2.72 12.86 -7.33
N TYR A 148 2.14 12.37 -8.43
CA TYR A 148 0.85 12.89 -8.87
C TYR A 148 -0.18 12.60 -7.79
N ILE A 149 -0.16 11.37 -7.28
CA ILE A 149 -1.09 10.95 -6.24
C ILE A 149 -0.92 11.79 -4.98
N LEU A 150 0.30 11.93 -4.49
CA LEU A 150 0.57 12.71 -3.28
C LEU A 150 0.03 14.13 -3.45
N TYR A 151 0.22 14.68 -4.65
CA TYR A 151 -0.24 16.03 -4.98
C TYR A 151 -1.74 16.14 -4.79
N VAL A 152 -2.48 15.24 -5.44
CA VAL A 152 -3.93 15.21 -5.36
C VAL A 152 -4.44 15.15 -3.92
N LEU A 153 -3.77 14.37 -3.09
CA LEU A 153 -4.16 14.21 -1.69
C LEU A 153 -3.98 15.48 -0.87
N PHE A 154 -3.19 16.42 -1.37
CA PHE A 154 -2.94 17.68 -0.66
C PHE A 154 -3.57 18.90 -1.31
N PHE A 155 -3.97 18.78 -2.56
CA PHE A 155 -4.59 19.90 -3.26
C PHE A 155 -5.89 19.50 -3.92
N GLY A 156 -6.86 20.42 -3.89
CA GLY A 156 -8.17 20.14 -4.48
C GLY A 156 -8.74 18.82 -4.00
N PHE A 157 -8.70 18.59 -2.69
CA PHE A 157 -9.20 17.36 -2.12
C PHE A 157 -9.94 17.61 -0.80
N THR A 158 -10.12 18.89 -0.46
CA THR A 158 -10.81 19.27 0.77
C THR A 158 -11.55 20.61 0.67
N SER A 159 -12.50 20.81 1.59
CA SER A 159 -13.30 22.03 1.65
C SER A 159 -14.09 22.02 2.96
N LYS A 160 -13.76 22.95 3.85
CA LYS A 160 -14.43 23.03 5.13
C LYS A 160 -15.79 23.73 5.06
N ALA A 161 -16.04 24.42 3.97
CA ALA A 161 -17.30 25.12 3.79
C ALA A 161 -18.43 24.13 3.54
N GLU A 162 -18.61 23.19 4.48
CA GLU A 162 -19.64 22.17 4.37
C GLU A 162 -19.51 21.44 3.04
N SER A 163 -18.50 20.60 2.93
CA SER A 163 -18.26 19.86 1.70
C SER A 163 -17.45 18.58 1.91
N MET A 164 -16.13 18.72 1.90
CA MET A 164 -15.23 17.57 2.07
C MET A 164 -14.66 17.44 3.47
N ARG A 165 -14.18 18.54 4.03
CA ARG A 165 -13.63 18.52 5.38
C ARG A 165 -14.31 19.57 6.26
N PRO A 166 -15.65 19.49 6.40
CA PRO A 166 -16.41 20.44 7.21
C PRO A 166 -16.52 20.10 8.69
N GLU A 167 -16.70 18.82 9.01
CA GLU A 167 -16.85 18.42 10.40
C GLU A 167 -15.60 17.75 10.97
N VAL A 168 -15.49 16.44 10.79
CA VAL A 168 -14.35 15.68 11.31
C VAL A 168 -13.38 15.25 10.21
N ALA A 169 -12.35 16.08 9.99
CA ALA A 169 -11.34 15.80 8.96
C ALA A 169 -9.98 15.53 9.59
N SER A 170 -9.94 15.53 10.91
CA SER A 170 -8.70 15.30 11.63
C SER A 170 -8.09 13.92 11.32
N THR A 171 -8.95 12.92 11.15
CA THR A 171 -8.51 11.58 10.85
C THR A 171 -7.86 11.58 9.47
N PHE A 172 -8.53 12.23 8.52
CA PHE A 172 -8.02 12.31 7.16
C PHE A 172 -6.62 12.90 7.14
N LYS A 173 -6.42 13.95 7.92
CA LYS A 173 -5.12 14.61 7.99
C LYS A 173 -4.04 13.66 8.50
N VAL A 174 -4.38 12.87 9.52
CA VAL A 174 -3.43 11.93 10.10
C VAL A 174 -3.14 10.76 9.17
N LEU A 175 -4.18 10.25 8.50
CA LEU A 175 -4.02 9.13 7.59
C LEU A 175 -3.29 9.60 6.33
N ARG A 176 -3.37 10.89 6.05
CA ARG A 176 -2.70 11.46 4.88
C ARG A 176 -1.22 11.61 5.20
N ASN A 177 -0.91 12.00 6.43
CA ASN A 177 0.47 12.17 6.88
C ASN A 177 1.24 10.85 6.78
N VAL A 178 0.62 9.78 7.25
CA VAL A 178 1.23 8.46 7.24
C VAL A 178 1.48 7.96 5.82
N THR A 179 0.46 8.12 4.98
CA THR A 179 0.51 7.72 3.58
C THR A 179 1.68 8.34 2.84
N VAL A 180 1.73 9.66 2.82
CA VAL A 180 2.82 10.36 2.13
C VAL A 180 4.19 9.93 2.64
N VAL A 181 4.33 9.77 3.95
CA VAL A 181 5.62 9.37 4.53
C VAL A 181 6.00 7.93 4.19
N LEU A 182 5.11 6.98 4.45
CA LEU A 182 5.40 5.56 4.18
C LEU A 182 5.57 5.28 2.69
N TRP A 183 4.59 5.73 1.90
CA TRP A 183 4.62 5.52 0.45
C TRP A 183 5.89 6.06 -0.20
N SER A 184 6.32 7.25 0.21
CA SER A 184 7.53 7.84 -0.37
C SER A 184 8.79 7.02 -0.09
N ALA A 185 8.71 6.10 0.86
CA ALA A 185 9.86 5.28 1.20
C ALA A 185 10.03 4.09 0.24
N TYR A 186 8.93 3.63 -0.35
CA TYR A 186 8.99 2.50 -1.27
C TYR A 186 9.92 2.72 -2.47
N PRO A 187 9.83 3.88 -3.14
CA PRO A 187 10.68 4.15 -4.30
C PRO A 187 12.17 4.16 -3.94
N VAL A 188 12.49 4.65 -2.75
CA VAL A 188 13.87 4.69 -2.28
C VAL A 188 14.39 3.27 -2.04
N VAL A 189 13.60 2.46 -1.34
CA VAL A 189 13.99 1.09 -1.04
C VAL A 189 14.23 0.32 -2.35
N TRP A 190 13.29 0.44 -3.27
CA TRP A 190 13.36 -0.22 -4.57
C TRP A 190 14.64 0.18 -5.30
N LEU A 191 14.87 1.49 -5.35
CA LEU A 191 16.05 2.04 -6.03
C LEU A 191 17.39 1.55 -5.48
N ILE A 192 17.48 1.36 -4.16
CA ILE A 192 18.74 0.93 -3.56
C ILE A 192 18.83 -0.57 -3.34
N GLY A 193 17.69 -1.27 -3.46
CA GLY A 193 17.68 -2.71 -3.26
C GLY A 193 17.94 -3.57 -4.47
N SER A 194 17.61 -4.85 -4.34
CA SER A 194 17.80 -5.86 -5.38
C SER A 194 17.27 -5.53 -6.77
N GLU A 195 16.14 -4.85 -6.84
CA GLU A 195 15.53 -4.49 -8.13
C GLU A 195 16.17 -3.25 -8.74
N GLY A 196 16.99 -2.56 -7.95
CA GLY A 196 17.63 -1.35 -8.43
C GLY A 196 19.14 -1.44 -8.47
N ALA A 197 19.80 -0.54 -7.75
CA ALA A 197 21.25 -0.47 -7.70
C ALA A 197 21.92 -1.65 -7.01
N GLY A 198 21.21 -2.29 -6.07
CA GLY A 198 21.78 -3.43 -5.38
C GLY A 198 22.77 -3.04 -4.29
N ILE A 199 22.54 -1.90 -3.66
CA ILE A 199 23.41 -1.42 -2.60
C ILE A 199 23.05 -2.06 -1.26
N VAL A 200 21.78 -2.41 -1.13
CA VAL A 200 21.25 -3.06 0.06
C VAL A 200 20.89 -4.50 -0.36
N PRO A 201 21.31 -5.50 0.43
CA PRO A 201 20.98 -6.88 0.03
C PRO A 201 19.47 -7.16 0.07
N LEU A 202 19.06 -8.17 -0.68
CA LEU A 202 17.65 -8.55 -0.76
C LEU A 202 17.06 -8.81 0.63
N ASN A 203 17.91 -9.35 1.50
CA ASN A 203 17.57 -9.66 2.88
C ASN A 203 17.07 -8.41 3.60
N ILE A 204 17.87 -7.36 3.60
CA ILE A 204 17.51 -6.10 4.26
C ILE A 204 16.37 -5.41 3.52
N GLU A 205 16.34 -5.57 2.21
CA GLU A 205 15.28 -4.97 1.40
C GLU A 205 13.94 -5.52 1.88
N THR A 206 13.85 -6.84 2.00
CA THR A 206 12.63 -7.53 2.44
C THR A 206 12.13 -7.04 3.80
N LEU A 207 13.07 -6.87 4.74
CA LEU A 207 12.73 -6.38 6.08
C LEU A 207 12.07 -5.00 5.97
N LEU A 208 12.70 -4.10 5.21
CA LEU A 208 12.17 -2.75 5.03
C LEU A 208 10.77 -2.76 4.46
N PHE A 209 10.55 -3.54 3.40
CA PHE A 209 9.24 -3.62 2.78
C PHE A 209 8.22 -4.24 3.74
N MET A 210 8.70 -5.12 4.61
CA MET A 210 7.81 -5.77 5.58
C MET A 210 7.34 -4.74 6.61
N VAL A 211 8.29 -3.97 7.14
CA VAL A 211 7.96 -2.93 8.12
C VAL A 211 7.05 -1.89 7.47
N LEU A 212 7.41 -1.44 6.27
CA LEU A 212 6.58 -0.44 5.58
C LEU A 212 5.17 -0.96 5.31
N ASP A 213 5.06 -2.18 4.77
CA ASP A 213 3.75 -2.78 4.47
C ASP A 213 2.85 -2.92 5.68
N VAL A 214 3.39 -3.47 6.76
CA VAL A 214 2.58 -3.65 7.97
C VAL A 214 2.12 -2.28 8.50
N SER A 215 2.98 -1.26 8.45
CA SER A 215 2.58 0.05 8.95
C SER A 215 1.54 0.71 8.04
N ALA A 216 1.70 0.58 6.73
CA ALA A 216 0.77 1.17 5.76
C ALA A 216 -0.56 0.42 5.64
N LYS A 217 -0.59 -0.82 6.11
CA LYS A 217 -1.81 -1.59 6.05
C LYS A 217 -2.47 -1.76 7.42
N VAL A 218 -1.80 -2.47 8.32
CA VAL A 218 -2.34 -2.68 9.67
C VAL A 218 -2.26 -1.37 10.45
N GLY A 219 -1.08 -0.74 10.45
CA GLY A 219 -0.92 0.53 11.14
C GLY A 219 -1.99 1.52 10.70
N PHE A 220 -2.08 1.72 9.39
CA PHE A 220 -3.04 2.63 8.78
C PHE A 220 -4.46 2.20 9.17
N GLY A 221 -4.70 0.89 9.12
CA GLY A 221 -6.02 0.36 9.45
C GLY A 221 -6.45 0.62 10.89
N LEU A 222 -5.56 0.36 11.84
CA LEU A 222 -5.87 0.58 13.23
C LEU A 222 -6.32 2.02 13.48
N ILE A 223 -5.57 2.98 12.96
CA ILE A 223 -5.93 4.38 13.15
C ILE A 223 -7.31 4.68 12.58
N LEU A 224 -7.56 4.28 11.33
CA LEU A 224 -8.84 4.53 10.68
C LEU A 224 -10.04 3.87 11.34
N LEU A 225 -9.95 2.58 11.60
CA LEU A 225 -11.06 1.83 12.19
C LEU A 225 -11.35 2.12 13.66
N ARG A 226 -10.57 3.00 14.27
CA ARG A 226 -10.80 3.36 15.67
C ARG A 226 -11.48 4.72 15.75
N SER A 227 -11.29 5.52 14.71
CA SER A 227 -11.86 6.85 14.65
C SER A 227 -13.38 6.84 14.56
N ARG A 228 -13.99 8.01 14.72
CA ARG A 228 -15.44 8.16 14.64
C ARG A 228 -15.84 8.70 13.27
N ALA A 229 -14.83 9.10 12.51
CA ALA A 229 -15.02 9.66 11.18
C ALA A 229 -15.66 8.67 10.22
N ILE A 230 -15.51 7.38 10.49
CA ILE A 230 -16.06 6.34 9.64
C ILE A 230 -17.57 6.21 9.74
N PHE A 231 -18.16 6.84 10.75
CA PHE A 231 -19.60 6.79 10.94
C PHE A 231 -20.28 8.05 10.43
N GLY A 232 -19.84 9.21 10.90
CA GLY A 232 -20.46 10.46 10.49
C GLY A 232 -19.52 11.46 9.85
N GLU A 233 -20.06 12.27 8.96
CA GLU A 233 -19.29 13.29 8.26
C GLU A 233 -20.02 14.63 8.34
N ALA A 234 -21.33 14.59 8.15
CA ALA A 234 -22.15 15.80 8.20
C ALA A 234 -21.86 16.52 9.51
N GLU A 235 -22.54 16.10 10.57
CA GLU A 235 -22.33 16.70 11.89
C GLU A 235 -22.71 15.76 13.03
N ALA A 236 -22.25 14.51 12.93
CA ALA A 236 -22.53 13.50 13.93
C ALA A 236 -21.33 12.56 14.05
N PRO A 237 -20.68 12.55 15.22
CA PRO A 237 -19.50 11.70 15.47
C PRO A 237 -19.85 10.21 15.49
N GLU A 238 -20.79 9.87 16.37
CA GLU A 238 -21.23 8.48 16.54
C GLU A 238 -20.12 7.64 17.17
N PRO A 239 -19.66 8.04 18.37
CA PRO A 239 -18.60 7.35 19.12
C PRO A 239 -18.97 5.94 19.56
N SER A 240 -20.19 5.76 20.06
CA SER A 240 -20.65 4.45 20.52
C SER A 240 -21.78 3.92 19.63
N ALA B 3 13.51 -21.24 -4.34
CA ALA B 3 13.52 -22.12 -3.14
C ALA B 3 14.88 -22.11 -2.45
N GLN B 4 15.95 -22.16 -3.25
CA GLN B 4 17.32 -22.16 -2.72
C GLN B 4 18.01 -20.82 -2.99
N ILE B 5 18.66 -20.71 -4.15
CA ILE B 5 19.38 -19.50 -4.53
C ILE B 5 18.49 -18.33 -4.97
N THR B 6 17.36 -18.15 -4.27
CA THR B 6 16.42 -17.07 -4.59
C THR B 6 15.71 -16.51 -3.36
N GLY B 7 14.86 -17.32 -2.75
CA GLY B 7 14.12 -16.88 -1.57
C GLY B 7 14.33 -17.73 -0.34
N ARG B 8 15.33 -17.39 0.46
CA ARG B 8 15.64 -18.15 1.66
C ARG B 8 16.18 -17.27 2.79
N PRO B 9 17.26 -16.50 2.55
CA PRO B 9 17.77 -15.64 3.62
C PRO B 9 16.68 -14.75 4.21
N GLU B 10 15.85 -14.17 3.35
CA GLU B 10 14.81 -13.28 3.81
C GLU B 10 13.48 -13.91 4.22
N TRP B 11 13.42 -15.23 4.41
CA TRP B 11 12.15 -15.86 4.79
C TRP B 11 11.66 -15.48 6.17
N ILE B 12 12.58 -15.21 7.09
CA ILE B 12 12.22 -14.82 8.44
C ILE B 12 11.32 -13.60 8.34
N TRP B 13 11.55 -12.81 7.28
CA TRP B 13 10.77 -11.60 7.05
C TRP B 13 9.43 -11.99 6.37
N LEU B 14 9.51 -12.93 5.43
CA LEU B 14 8.30 -13.39 4.75
C LEU B 14 7.37 -14.08 5.75
N ALA B 15 7.94 -14.93 6.59
CA ALA B 15 7.18 -15.65 7.60
C ALA B 15 6.46 -14.65 8.51
N LEU B 16 7.26 -13.84 9.21
CA LEU B 16 6.73 -12.82 10.10
C LEU B 16 5.75 -11.91 9.37
N GLY B 17 6.13 -11.51 8.16
CA GLY B 17 5.26 -10.64 7.38
C GLY B 17 3.90 -11.29 7.30
N THR B 18 3.91 -12.56 6.93
CA THR B 18 2.71 -13.38 6.79
C THR B 18 1.90 -13.41 8.08
N ALA B 19 2.47 -13.96 9.14
CA ALA B 19 1.78 -14.03 10.42
C ALA B 19 1.13 -12.69 10.74
N LEU B 20 1.92 -11.61 10.71
CA LEU B 20 1.40 -10.28 11.00
C LEU B 20 0.19 -9.90 10.15
N MET B 21 0.25 -10.15 8.84
CA MET B 21 -0.89 -9.84 8.00
C MET B 21 -2.07 -10.73 8.37
N GLY B 22 -1.80 -11.96 8.78
CA GLY B 22 -2.88 -12.86 9.16
C GLY B 22 -3.57 -12.39 10.43
N LEU B 23 -2.80 -12.31 11.50
CA LEU B 23 -3.35 -11.88 12.78
C LEU B 23 -4.04 -10.54 12.62
N GLY B 24 -3.51 -9.71 11.74
CA GLY B 24 -4.15 -8.43 11.51
C GLY B 24 -5.57 -8.69 11.00
N THR B 25 -5.66 -9.58 10.02
CA THR B 25 -6.93 -9.93 9.41
C THR B 25 -7.97 -10.45 10.39
N LEU B 26 -7.67 -11.57 11.05
CA LEU B 26 -8.61 -12.13 12.02
C LEU B 26 -9.03 -11.04 13.00
N TYR B 27 -8.14 -10.09 13.24
CA TYR B 27 -8.45 -9.00 14.16
C TYR B 27 -9.56 -8.15 13.56
N PHE B 28 -9.22 -7.39 12.52
CA PHE B 28 -10.20 -6.53 11.87
C PHE B 28 -11.45 -7.31 11.53
N LEU B 29 -11.31 -8.62 11.33
CA LEU B 29 -12.46 -9.46 11.03
C LEU B 29 -13.36 -9.40 12.26
N VAL B 30 -12.82 -9.85 13.39
CA VAL B 30 -13.51 -9.84 14.67
C VAL B 30 -14.06 -8.45 14.96
N LYS B 31 -13.20 -7.44 14.84
CA LYS B 31 -13.55 -6.06 15.09
C LYS B 31 -14.78 -5.71 14.23
N GLY B 32 -14.75 -6.21 13.00
CA GLY B 32 -15.84 -5.97 12.07
C GLY B 32 -17.21 -6.40 12.56
N MET B 33 -17.29 -6.81 13.81
CA MET B 33 -18.55 -7.21 14.40
C MET B 33 -19.28 -5.99 14.97
N GLY B 34 -20.60 -5.95 14.78
CA GLY B 34 -21.38 -4.84 15.30
C GLY B 34 -21.38 -3.60 14.41
N VAL B 35 -20.72 -3.68 13.26
CA VAL B 35 -20.69 -2.52 12.37
C VAL B 35 -21.92 -2.51 11.47
N SER B 36 -22.85 -1.58 11.74
CA SER B 36 -24.07 -1.46 10.95
C SER B 36 -24.20 -0.18 10.12
N ASP B 37 -23.36 0.82 10.37
CA ASP B 37 -23.44 2.05 9.57
C ASP B 37 -22.91 1.82 8.15
N PRO B 38 -23.55 2.45 7.14
CA PRO B 38 -23.12 2.26 5.74
C PRO B 38 -21.64 2.55 5.56
N ASP B 39 -21.23 3.76 5.91
CA ASP B 39 -19.84 4.17 5.79
C ASP B 39 -18.84 3.34 6.60
N ALA B 40 -19.14 3.12 7.88
CA ALA B 40 -18.24 2.33 8.71
C ALA B 40 -18.03 0.99 8.01
N LYS B 41 -19.13 0.28 7.75
CA LYS B 41 -19.05 -1.01 7.06
C LYS B 41 -18.04 -0.88 5.92
N LYS B 42 -18.36 -0.07 4.91
CA LYS B 42 -17.46 0.14 3.77
C LYS B 42 -16.03 0.19 4.31
N PHE B 43 -15.67 1.27 4.98
CA PHE B 43 -14.33 1.44 5.55
C PHE B 43 -13.85 0.18 6.26
N TYR B 44 -14.79 -0.58 6.80
CA TYR B 44 -14.42 -1.81 7.46
C TYR B 44 -14.18 -2.95 6.48
N ALA B 45 -14.98 -3.01 5.43
CA ALA B 45 -14.79 -4.05 4.43
C ALA B 45 -13.38 -3.86 3.85
N ILE B 46 -13.09 -2.62 3.42
CA ILE B 46 -11.81 -2.22 2.84
C ILE B 46 -10.59 -2.45 3.72
N THR B 47 -10.72 -2.10 5.00
CA THR B 47 -9.62 -2.20 5.96
C THR B 47 -9.29 -3.64 6.34
N THR B 48 -10.24 -4.54 6.18
CA THR B 48 -10.04 -5.93 6.53
C THR B 48 -9.54 -6.71 5.32
N LEU B 49 -9.96 -6.29 4.14
CA LEU B 49 -9.57 -6.96 2.91
C LEU B 49 -8.13 -6.73 2.49
N VAL B 50 -7.61 -5.52 2.70
CA VAL B 50 -6.25 -5.24 2.31
C VAL B 50 -5.31 -6.27 2.96
N PRO B 51 -5.28 -6.35 4.30
CA PRO B 51 -4.37 -7.36 4.88
C PRO B 51 -4.75 -8.81 4.58
N ALA B 52 -6.00 -9.03 4.15
CA ALA B 52 -6.44 -10.38 3.81
C ALA B 52 -5.70 -10.76 2.52
N ILE B 53 -5.61 -9.77 1.64
CA ILE B 53 -4.91 -9.90 0.38
C ILE B 53 -3.42 -9.92 0.75
N ALA B 54 -2.99 -9.01 1.62
CA ALA B 54 -1.59 -8.97 2.03
C ALA B 54 -1.15 -10.35 2.51
N PHE B 55 -1.93 -10.91 3.43
CA PHE B 55 -1.65 -12.22 3.98
C PHE B 55 -1.47 -13.27 2.88
N THR B 56 -2.43 -13.29 1.96
CA THR B 56 -2.42 -14.24 0.86
C THR B 56 -1.12 -14.12 0.05
N MET B 57 -0.76 -12.88 -0.27
CA MET B 57 0.42 -12.62 -1.06
C MET B 57 1.68 -12.98 -0.29
N TYR B 58 1.85 -12.31 0.86
CA TYR B 58 3.00 -12.53 1.71
C TYR B 58 3.22 -14.02 2.07
N LEU B 59 2.18 -14.85 1.95
CA LEU B 59 2.35 -16.28 2.20
C LEU B 59 2.84 -16.91 0.89
N SER B 60 2.37 -16.38 -0.24
CA SER B 60 2.81 -16.90 -1.53
C SER B 60 4.33 -16.77 -1.60
N MET B 61 4.83 -15.57 -1.33
CA MET B 61 6.27 -15.32 -1.36
C MET B 61 6.96 -16.25 -0.38
N LEU B 62 6.28 -16.61 0.70
CA LEU B 62 6.87 -17.49 1.70
C LEU B 62 7.01 -18.92 1.14
N LEU B 63 5.88 -19.51 0.76
CA LEU B 63 5.91 -20.86 0.20
C LEU B 63 6.72 -20.80 -1.09
N GLY B 64 6.91 -19.59 -1.61
CA GLY B 64 7.71 -19.44 -2.82
C GLY B 64 7.02 -19.37 -4.17
N TYR B 65 5.70 -19.18 -4.19
CA TYR B 65 4.95 -19.08 -5.44
C TYR B 65 4.96 -17.68 -6.03
N GLY B 66 4.95 -16.68 -5.17
CA GLY B 66 4.96 -15.30 -5.62
C GLY B 66 6.38 -14.82 -5.83
N LEU B 67 7.04 -15.40 -6.82
CA LEU B 67 8.42 -15.04 -7.10
C LEU B 67 8.89 -15.58 -8.45
N THR B 68 10.04 -15.10 -8.89
CA THR B 68 10.60 -15.55 -10.15
C THR B 68 12.07 -15.09 -10.16
N MET B 69 12.75 -15.32 -11.28
CA MET B 69 14.15 -14.92 -11.37
C MET B 69 14.36 -13.90 -12.49
N VAL B 70 15.20 -12.90 -12.23
CA VAL B 70 15.48 -11.84 -13.21
C VAL B 70 16.97 -11.50 -13.34
N PRO B 71 17.63 -11.98 -14.41
CA PRO B 71 19.05 -11.71 -14.64
C PRO B 71 19.30 -10.27 -15.11
N PHE B 72 20.32 -9.64 -14.56
CA PHE B 72 20.72 -8.28 -14.92
C PHE B 72 21.68 -7.80 -13.85
N GLY B 73 22.36 -6.69 -14.11
CA GLY B 73 23.31 -6.18 -13.14
C GLY B 73 24.45 -7.16 -13.08
N GLY B 74 24.24 -8.32 -13.70
CA GLY B 74 25.24 -9.36 -13.75
C GLY B 74 24.75 -10.71 -13.26
N GLU B 75 23.86 -10.68 -12.27
CA GLU B 75 23.34 -11.92 -11.67
C GLU B 75 21.85 -12.18 -11.87
N GLN B 76 21.38 -13.29 -11.31
CA GLN B 76 19.96 -13.66 -11.35
C GLN B 76 19.29 -13.08 -10.11
N ASN B 77 18.54 -12.01 -10.31
CA ASN B 77 17.88 -11.30 -9.23
C ASN B 77 16.41 -11.70 -9.00
N PRO B 78 16.18 -12.75 -8.18
CA PRO B 78 14.83 -13.23 -7.87
C PRO B 78 13.93 -12.04 -7.57
N ILE B 79 12.86 -11.90 -8.34
CA ILE B 79 11.94 -10.80 -8.15
C ILE B 79 10.63 -11.33 -7.59
N TYR B 80 10.25 -10.79 -6.43
CA TYR B 80 9.03 -11.15 -5.74
C TYR B 80 7.88 -10.37 -6.35
N TRP B 81 7.42 -10.82 -7.51
CA TRP B 81 6.33 -10.12 -8.16
C TRP B 81 5.06 -10.09 -7.32
N ALA B 82 4.85 -11.13 -6.53
CA ALA B 82 3.66 -11.14 -5.69
C ALA B 82 3.67 -9.92 -4.77
N ARG B 83 4.86 -9.42 -4.46
CA ARG B 83 4.93 -8.23 -3.61
C ARG B 83 4.30 -7.05 -4.36
N TYR B 84 4.51 -6.96 -5.66
CA TYR B 84 3.88 -5.89 -6.43
C TYR B 84 2.42 -6.25 -6.68
N ALA B 85 2.13 -7.55 -6.82
CA ALA B 85 0.77 -7.99 -7.05
C ALA B 85 -0.05 -7.48 -5.89
N ASP B 86 0.53 -7.66 -4.70
CA ASP B 86 -0.08 -7.24 -3.46
C ASP B 86 -0.36 -5.75 -3.50
N TRP B 87 0.64 -4.95 -3.83
CA TRP B 87 0.49 -3.50 -3.90
C TRP B 87 -0.52 -3.12 -4.96
N LEU B 88 -0.50 -3.89 -6.05
CA LEU B 88 -1.38 -3.64 -7.18
C LEU B 88 -2.83 -3.76 -6.78
N PHE B 89 -3.07 -4.58 -5.76
CA PHE B 89 -4.42 -4.85 -5.26
C PHE B 89 -4.84 -4.03 -4.05
N THR B 90 -3.91 -3.63 -3.19
CA THR B 90 -4.28 -2.87 -1.99
C THR B 90 -4.36 -1.36 -2.23
N THR B 91 -3.28 -0.78 -2.76
CA THR B 91 -3.28 0.67 -3.03
C THR B 91 -4.63 1.20 -3.49
N PRO B 92 -5.28 0.56 -4.48
CA PRO B 92 -6.59 1.07 -4.92
C PRO B 92 -7.54 1.26 -3.73
N LEU B 93 -7.51 0.30 -2.81
CA LEU B 93 -8.35 0.32 -1.62
C LEU B 93 -7.90 1.35 -0.59
N LEU B 94 -6.62 1.69 -0.59
CA LEU B 94 -6.17 2.68 0.38
C LEU B 94 -6.60 4.07 -0.05
N LEU B 95 -6.43 4.36 -1.34
CA LEU B 95 -6.85 5.64 -1.90
C LEU B 95 -8.35 5.71 -1.70
N LEU B 96 -9.00 4.57 -1.85
CA LEU B 96 -10.44 4.44 -1.67
C LEU B 96 -10.76 4.87 -0.24
N ASP B 97 -9.90 4.50 0.71
CA ASP B 97 -10.10 4.90 2.10
C ASP B 97 -10.04 6.42 2.13
N LEU B 98 -9.10 6.97 1.37
CA LEU B 98 -8.89 8.42 1.29
C LEU B 98 -10.08 9.09 0.60
N ALA B 99 -10.56 8.47 -0.47
CA ALA B 99 -11.69 8.99 -1.22
C ALA B 99 -12.95 9.08 -0.34
N LEU B 100 -13.42 7.92 0.11
CA LEU B 100 -14.59 7.86 0.98
C LEU B 100 -14.58 8.98 2.02
N LEU B 101 -13.49 9.08 2.80
CA LEU B 101 -13.38 10.11 3.82
C LEU B 101 -13.49 11.55 3.27
N VAL B 102 -12.81 11.83 2.15
CA VAL B 102 -12.84 13.17 1.57
C VAL B 102 -14.03 13.43 0.67
N ASP B 103 -14.91 12.44 0.57
CA ASP B 103 -16.11 12.59 -0.27
C ASP B 103 -15.75 13.08 -1.69
N ALA B 104 -14.58 12.68 -2.19
CA ALA B 104 -14.12 13.07 -3.52
C ALA B 104 -15.10 12.64 -4.61
N ASP B 105 -15.11 13.36 -5.72
CA ASP B 105 -15.99 12.98 -6.82
C ASP B 105 -15.35 11.82 -7.56
N GLN B 106 -16.15 11.12 -8.36
CA GLN B 106 -15.68 9.98 -9.13
C GLN B 106 -14.49 10.32 -10.01
N GLY B 107 -14.54 11.51 -10.61
CA GLY B 107 -13.46 11.91 -11.49
C GLY B 107 -12.08 11.78 -10.88
N THR B 108 -11.89 12.36 -9.70
CA THR B 108 -10.60 12.28 -9.04
C THR B 108 -10.24 10.83 -8.71
N ILE B 109 -11.15 10.14 -8.04
CA ILE B 109 -10.92 8.74 -7.67
C ILE B 109 -10.43 7.96 -8.87
N LEU B 110 -11.17 8.07 -9.97
CA LEU B 110 -10.83 7.39 -11.21
C LEU B 110 -9.40 7.75 -11.62
N ALA B 111 -9.09 9.05 -11.67
CA ALA B 111 -7.75 9.47 -12.02
C ALA B 111 -6.72 8.86 -11.06
N LEU B 112 -6.95 8.97 -9.76
CA LEU B 112 -6.02 8.43 -8.77
C LEU B 112 -5.85 6.94 -9.05
N VAL B 113 -6.98 6.25 -9.24
CA VAL B 113 -6.95 4.83 -9.52
C VAL B 113 -6.09 4.52 -10.75
N GLY B 114 -6.32 5.28 -11.83
CA GLY B 114 -5.57 5.06 -13.06
C GLY B 114 -4.10 5.36 -12.81
N ALA B 115 -3.85 6.41 -12.05
CA ALA B 115 -2.50 6.83 -11.71
C ALA B 115 -1.88 5.69 -10.92
N ASP B 116 -2.66 5.16 -9.99
CA ASP B 116 -2.22 4.05 -9.16
C ASP B 116 -1.82 2.86 -10.04
N GLY B 117 -2.63 2.56 -11.05
CA GLY B 117 -2.30 1.47 -11.95
C GLY B 117 -0.94 1.75 -12.56
N ILE B 118 -0.85 2.90 -13.20
CA ILE B 118 0.41 3.30 -13.82
C ILE B 118 1.58 3.18 -12.84
N MET B 119 1.37 3.64 -11.61
CA MET B 119 2.44 3.57 -10.59
C MET B 119 3.05 2.19 -10.49
N ILE B 120 2.36 1.30 -9.77
CA ILE B 120 2.82 -0.07 -9.58
C ILE B 120 3.01 -0.76 -10.92
N GLY B 121 2.04 -0.55 -11.81
CA GLY B 121 2.11 -1.14 -13.14
C GLY B 121 3.48 -0.93 -13.73
N THR B 122 3.83 0.32 -14.02
CA THR B 122 5.14 0.60 -14.60
C THR B 122 6.23 0.20 -13.61
N GLY B 123 5.87 0.04 -12.35
CA GLY B 123 6.82 -0.32 -11.32
C GLY B 123 7.25 -1.76 -11.47
N LEU B 124 6.29 -2.65 -11.66
CA LEU B 124 6.66 -4.05 -11.83
C LEU B 124 7.54 -4.26 -13.08
N VAL B 125 7.16 -3.67 -14.21
CA VAL B 125 7.98 -3.86 -15.40
C VAL B 125 9.37 -3.30 -15.15
N GLY B 126 9.46 -2.27 -14.33
CA GLY B 126 10.78 -1.74 -14.03
C GLY B 126 11.61 -2.90 -13.49
N ALA B 127 11.07 -3.56 -12.48
CA ALA B 127 11.72 -4.68 -11.84
C ALA B 127 11.96 -5.82 -12.83
N LEU B 128 10.97 -6.13 -13.65
CA LEU B 128 11.13 -7.20 -14.63
C LEU B 128 11.89 -6.73 -15.90
N THR B 129 12.83 -5.80 -15.71
CA THR B 129 13.65 -5.24 -16.79
C THR B 129 15.04 -5.88 -16.75
N LYS B 130 15.58 -6.28 -17.91
CA LYS B 130 16.90 -6.93 -17.93
C LYS B 130 18.01 -5.93 -18.27
N VAL B 131 17.71 -5.03 -19.19
CA VAL B 131 18.64 -4.01 -19.59
C VAL B 131 18.71 -2.99 -18.46
N TYR B 132 19.77 -3.09 -17.64
CA TYR B 132 20.00 -2.21 -16.49
C TYR B 132 19.73 -0.71 -16.68
N SER B 133 19.83 -0.21 -17.91
CA SER B 133 19.57 1.22 -18.10
C SER B 133 18.09 1.53 -18.03
N TYR B 134 17.26 0.64 -18.59
CA TYR B 134 15.82 0.85 -18.62
C TYR B 134 15.16 0.68 -17.24
N ARG B 135 15.79 -0.05 -16.33
CA ARG B 135 15.22 -0.23 -15.00
C ARG B 135 14.91 1.12 -14.32
N PHE B 136 15.81 2.08 -14.42
CA PHE B 136 15.55 3.36 -13.76
C PHE B 136 14.53 4.25 -14.50
N VAL B 137 14.45 4.12 -15.82
CA VAL B 137 13.48 4.91 -16.59
C VAL B 137 12.06 4.58 -16.10
N TRP B 138 11.74 3.29 -15.99
CA TRP B 138 10.42 2.89 -15.53
C TRP B 138 10.21 3.33 -14.08
N TRP B 139 11.31 3.42 -13.34
CA TRP B 139 11.24 3.87 -11.95
C TRP B 139 10.71 5.29 -12.07
N ALA B 140 11.35 6.06 -12.93
CA ALA B 140 11.01 7.46 -13.18
C ALA B 140 9.53 7.69 -13.42
N ILE B 141 8.94 6.93 -14.34
CA ILE B 141 7.50 7.09 -14.63
C ILE B 141 6.68 6.67 -13.42
N SER B 142 7.18 5.69 -12.69
CA SER B 142 6.48 5.19 -11.54
C SER B 142 6.44 6.20 -10.37
N THR B 143 7.62 6.70 -9.98
CA THR B 143 7.69 7.66 -8.90
C THR B 143 6.86 8.88 -9.30
N ALA B 144 6.93 9.25 -10.57
CA ALA B 144 6.21 10.42 -11.06
C ALA B 144 4.70 10.35 -10.84
N ALA B 145 4.09 9.20 -11.15
CA ALA B 145 2.64 9.06 -10.97
C ALA B 145 2.34 9.18 -9.48
N MET B 146 3.25 8.66 -8.66
CA MET B 146 3.08 8.72 -7.21
C MET B 146 2.90 10.17 -6.82
N LEU B 147 3.79 11.02 -7.34
CA LEU B 147 3.74 12.44 -7.05
C LEU B 147 2.43 13.03 -7.53
N TYR B 148 1.96 12.65 -8.71
CA TYR B 148 0.67 13.17 -9.17
C TYR B 148 -0.31 12.87 -8.06
N ILE B 149 -0.37 11.58 -7.69
CA ILE B 149 -1.25 11.08 -6.64
C ILE B 149 -1.12 11.89 -5.35
N LEU B 150 0.10 12.03 -4.84
CA LEU B 150 0.31 12.82 -3.62
C LEU B 150 -0.06 14.26 -3.91
N TYR B 151 0.00 14.65 -5.18
CA TYR B 151 -0.34 16.00 -5.61
C TYR B 151 -1.84 16.25 -5.59
N VAL B 152 -2.64 15.18 -5.57
CA VAL B 152 -4.10 15.29 -5.52
C VAL B 152 -4.54 15.26 -4.05
N LEU B 153 -3.89 14.42 -3.27
CA LEU B 153 -4.20 14.31 -1.84
C LEU B 153 -3.60 15.52 -1.13
N PHE B 154 -3.43 16.62 -1.86
CA PHE B 154 -2.83 17.82 -1.28
C PHE B 154 -3.31 19.12 -1.93
N PHE B 155 -3.99 19.02 -3.07
CA PHE B 155 -4.46 20.22 -3.78
C PHE B 155 -5.66 19.98 -4.72
N GLY B 156 -6.31 18.83 -4.60
CA GLY B 156 -7.47 18.53 -5.43
C GLY B 156 -8.36 17.49 -4.81
N PHE B 157 -8.06 17.17 -3.56
CA PHE B 157 -8.80 16.17 -2.79
C PHE B 157 -9.54 16.86 -1.63
N THR B 158 -8.80 17.68 -0.88
CA THR B 158 -9.35 18.43 0.24
C THR B 158 -10.13 19.68 -0.19
N SER B 159 -10.66 20.42 0.79
CA SER B 159 -11.44 21.66 0.59
C SER B 159 -12.43 21.82 1.75
N LYS B 160 -11.90 22.03 2.96
CA LYS B 160 -12.70 22.21 4.16
C LYS B 160 -14.08 22.82 3.90
N ALA B 161 -15.05 21.97 3.56
CA ALA B 161 -16.40 22.42 3.27
C ALA B 161 -17.41 21.28 3.29
N GLU B 162 -17.90 20.94 4.48
CA GLU B 162 -18.89 19.89 4.64
C GLU B 162 -18.83 18.76 3.59
N SER B 163 -17.62 18.27 3.31
CA SER B 163 -17.45 17.18 2.34
C SER B 163 -16.11 16.46 2.46
N MET B 164 -15.09 16.97 1.76
CA MET B 164 -13.75 16.38 1.77
C MET B 164 -12.93 16.51 3.05
N ARG B 165 -13.54 17.06 4.10
CA ARG B 165 -12.88 17.22 5.39
C ARG B 165 -13.69 18.07 6.36
N PRO B 166 -14.96 17.69 6.62
CA PRO B 166 -15.81 18.45 7.55
C PRO B 166 -15.57 18.11 9.01
N GLU B 167 -16.18 17.01 9.47
CA GLU B 167 -16.08 16.54 10.85
C GLU B 167 -14.68 16.55 11.46
N VAL B 168 -14.19 15.36 11.78
CA VAL B 168 -12.86 15.21 12.32
C VAL B 168 -11.94 15.23 11.12
N ALA B 169 -11.83 16.40 10.50
CA ALA B 169 -11.03 16.63 9.30
C ALA B 169 -9.56 16.38 9.50
N SER B 170 -9.08 16.48 10.74
CA SER B 170 -7.67 16.23 11.02
C SER B 170 -7.42 14.76 10.76
N THR B 171 -8.47 13.95 10.84
CA THR B 171 -8.34 12.51 10.58
C THR B 171 -7.68 12.39 9.22
N PHE B 172 -8.28 13.03 8.22
CA PHE B 172 -7.68 12.96 6.90
C PHE B 172 -6.29 13.58 6.95
N LYS B 173 -6.20 14.83 7.42
CA LYS B 173 -4.91 15.51 7.51
C LYS B 173 -3.84 14.49 7.90
N VAL B 174 -4.10 13.77 8.98
CA VAL B 174 -3.15 12.74 9.44
C VAL B 174 -2.86 11.81 8.28
N LEU B 175 -3.88 11.04 7.94
CA LEU B 175 -3.83 10.08 6.84
C LEU B 175 -3.02 10.61 5.64
N ARG B 176 -3.12 11.90 5.39
CA ARG B 176 -2.41 12.51 4.28
C ARG B 176 -0.93 12.69 4.61
N ASN B 177 -0.63 13.10 5.84
CA ASN B 177 0.74 13.26 6.26
C ASN B 177 1.37 11.86 6.36
N VAL B 178 0.55 10.87 6.63
CA VAL B 178 1.01 9.51 6.75
C VAL B 178 1.21 8.95 5.35
N THR B 179 0.14 9.00 4.55
CA THR B 179 0.25 8.51 3.18
C THR B 179 1.59 9.02 2.67
N VAL B 180 1.73 10.35 2.73
CA VAL B 180 2.93 11.05 2.29
C VAL B 180 4.19 10.26 2.59
N VAL B 181 4.52 10.12 3.88
CA VAL B 181 5.71 9.38 4.28
C VAL B 181 5.68 7.93 3.81
N LEU B 182 4.61 7.22 4.13
CA LEU B 182 4.49 5.80 3.76
C LEU B 182 4.76 5.54 2.28
N TRP B 183 3.92 6.11 1.43
CA TRP B 183 4.07 5.94 0.00
C TRP B 183 5.45 6.39 -0.46
N SER B 184 5.83 7.63 -0.10
CA SER B 184 7.14 8.19 -0.47
C SER B 184 8.24 7.18 -0.15
N ALA B 185 8.06 6.44 0.93
CA ALA B 185 9.06 5.45 1.32
C ALA B 185 9.33 4.42 0.22
N TYR B 186 8.25 3.82 -0.29
CA TYR B 186 8.37 2.80 -1.33
C TYR B 186 9.33 3.14 -2.49
N PRO B 187 9.17 4.31 -3.13
CA PRO B 187 10.10 4.63 -4.22
C PRO B 187 11.56 4.53 -3.74
N VAL B 188 11.81 5.15 -2.59
CA VAL B 188 13.14 5.16 -2.00
C VAL B 188 13.68 3.78 -1.71
N VAL B 189 12.79 2.86 -1.33
CA VAL B 189 13.21 1.52 -1.01
C VAL B 189 13.44 0.70 -2.27
N TRP B 190 13.04 1.21 -3.43
CA TRP B 190 13.29 0.43 -4.62
C TRP B 190 14.64 0.83 -5.18
N LEU B 191 14.98 2.09 -5.02
CA LEU B 191 16.26 2.58 -5.53
C LEU B 191 17.48 1.98 -4.81
N ILE B 192 17.43 1.91 -3.48
CA ILE B 192 18.55 1.38 -2.71
C ILE B 192 18.73 -0.15 -2.62
N GLY B 193 17.66 -0.91 -2.85
CA GLY B 193 17.77 -2.37 -2.76
C GLY B 193 18.36 -3.08 -3.97
N SER B 194 18.44 -4.42 -3.90
CA SER B 194 19.01 -5.23 -4.97
C SER B 194 18.27 -5.11 -6.29
N GLU B 195 16.97 -4.92 -6.24
CA GLU B 195 16.22 -4.74 -7.46
C GLU B 195 16.80 -3.55 -8.24
N GLY B 196 16.97 -2.42 -7.55
CA GLY B 196 17.45 -1.18 -8.18
C GLY B 196 18.91 -0.75 -8.24
N ALA B 197 19.37 0.04 -7.27
CA ALA B 197 20.76 0.52 -7.27
C ALA B 197 21.81 -0.43 -6.72
N GLY B 198 21.40 -1.36 -5.86
CA GLY B 198 22.36 -2.29 -5.29
C GLY B 198 23.23 -1.63 -4.24
N ILE B 199 22.60 -1.09 -3.20
CA ILE B 199 23.30 -0.43 -2.10
C ILE B 199 23.23 -1.30 -0.84
N VAL B 200 22.09 -1.99 -0.69
CA VAL B 200 21.82 -2.90 0.44
C VAL B 200 21.37 -4.23 -0.15
N PRO B 201 21.80 -5.36 0.43
CA PRO B 201 21.37 -6.64 -0.13
C PRO B 201 19.88 -6.97 0.00
N LEU B 202 19.41 -7.85 -0.89
CA LEU B 202 18.02 -8.29 -0.93
C LEU B 202 17.54 -8.51 0.51
N ASN B 203 18.44 -9.02 1.33
CA ASN B 203 18.18 -9.29 2.73
C ASN B 203 17.45 -8.13 3.42
N ILE B 204 17.98 -6.92 3.29
CA ILE B 204 17.38 -5.74 3.92
C ILE B 204 16.20 -5.19 3.14
N GLU B 205 16.27 -5.22 1.81
CA GLU B 205 15.14 -4.70 1.07
C GLU B 205 13.88 -5.51 1.41
N THR B 206 14.00 -6.83 1.55
CA THR B 206 12.80 -7.62 1.87
C THR B 206 12.18 -7.15 3.20
N LEU B 207 13.02 -6.98 4.21
CA LEU B 207 12.51 -6.52 5.50
C LEU B 207 11.90 -5.12 5.42
N LEU B 208 12.59 -4.22 4.71
CA LEU B 208 12.14 -2.84 4.59
C LEU B 208 10.76 -2.79 3.96
N PHE B 209 10.54 -3.53 2.87
CA PHE B 209 9.23 -3.49 2.25
C PHE B 209 8.18 -4.14 3.14
N MET B 210 8.58 -5.16 3.90
CA MET B 210 7.63 -5.79 4.80
C MET B 210 7.33 -4.82 5.94
N VAL B 211 8.31 -4.00 6.34
CA VAL B 211 8.07 -3.04 7.42
C VAL B 211 7.11 -2.06 6.84
N LEU B 212 7.30 -1.71 5.57
CA LEU B 212 6.37 -0.77 4.94
C LEU B 212 4.96 -1.40 4.70
N ASP B 213 4.88 -2.67 4.31
CA ASP B 213 3.57 -3.33 4.08
C ASP B 213 2.79 -3.58 5.40
N VAL B 214 3.43 -4.07 6.47
CA VAL B 214 2.65 -4.24 7.70
C VAL B 214 2.15 -2.84 8.10
N SER B 215 3.06 -1.85 8.15
CA SER B 215 2.64 -0.48 8.50
C SER B 215 1.40 -0.08 7.70
N ALA B 216 1.50 -0.20 6.39
CA ALA B 216 0.40 0.17 5.49
C ALA B 216 -0.82 -0.75 5.55
N LYS B 217 -0.60 -2.06 5.54
CA LYS B 217 -1.71 -3.03 5.53
C LYS B 217 -2.45 -3.23 6.85
N VAL B 218 -1.77 -2.96 7.96
CA VAL B 218 -2.40 -3.12 9.25
C VAL B 218 -2.35 -1.81 10.02
N GLY B 219 -1.14 -1.41 10.39
CA GLY B 219 -0.94 -0.18 11.13
C GLY B 219 -1.84 0.93 10.63
N PHE B 220 -1.54 1.44 9.43
CA PHE B 220 -2.34 2.49 8.85
C PHE B 220 -3.83 2.18 9.07
N GLY B 221 -4.21 0.92 8.91
CA GLY B 221 -5.59 0.53 9.11
C GLY B 221 -6.11 0.81 10.51
N LEU B 222 -5.30 0.54 11.52
CA LEU B 222 -5.69 0.78 12.91
C LEU B 222 -6.02 2.24 13.09
N ILE B 223 -5.07 3.09 12.69
CA ILE B 223 -5.22 4.53 12.80
C ILE B 223 -6.59 5.01 12.31
N LEU B 224 -6.85 4.84 11.02
CA LEU B 224 -8.12 5.25 10.41
C LEU B 224 -9.31 4.66 11.17
N LEU B 225 -9.11 3.50 11.79
CA LEU B 225 -10.18 2.86 12.54
C LEU B 225 -10.27 3.42 13.95
N ARG B 226 -9.14 3.60 14.62
CA ARG B 226 -9.16 4.16 15.96
C ARG B 226 -9.40 5.65 15.75
N SER B 227 -10.25 5.94 14.76
CA SER B 227 -10.61 7.29 14.39
C SER B 227 -12.13 7.44 14.19
N ARG B 228 -12.76 8.31 14.98
CA ARG B 228 -14.20 8.53 14.88
C ARG B 228 -14.61 9.48 13.76
N ALA B 229 -14.19 9.19 12.54
CA ALA B 229 -14.52 10.02 11.37
C ALA B 229 -15.15 9.20 10.24
N ILE B 230 -14.83 7.91 10.20
CA ILE B 230 -15.38 7.02 9.15
C ILE B 230 -16.83 6.61 9.45
N PHE B 231 -17.25 6.82 10.69
CA PHE B 231 -18.61 6.48 11.12
C PHE B 231 -19.63 7.48 10.61
N GLY B 232 -19.21 8.74 10.55
CA GLY B 232 -20.13 9.78 10.09
C GLY B 232 -19.56 10.93 9.29
N GLU B 233 -19.78 10.85 7.99
CA GLU B 233 -19.34 11.89 7.06
C GLU B 233 -20.42 12.98 7.15
N ALA B 234 -20.88 13.26 8.37
CA ALA B 234 -21.91 14.26 8.59
C ALA B 234 -21.45 15.44 9.45
N GLU B 235 -21.41 15.25 10.76
CA GLU B 235 -21.00 16.32 11.69
C GLU B 235 -20.98 15.86 13.16
N ALA B 236 -20.34 14.74 13.45
CA ALA B 236 -20.29 14.26 14.82
C ALA B 236 -19.20 13.20 15.03
N PRO B 237 -18.48 13.28 16.17
CA PRO B 237 -17.41 12.33 16.50
C PRO B 237 -17.99 10.94 16.68
N GLU B 238 -19.06 10.88 17.49
CA GLU B 238 -19.74 9.64 17.79
C GLU B 238 -18.70 8.64 18.32
N PRO B 239 -18.12 8.94 19.50
CA PRO B 239 -17.10 8.12 20.18
C PRO B 239 -17.45 6.65 20.30
N SER B 240 -17.98 6.27 21.46
CA SER B 240 -18.37 4.88 21.72
C SER B 240 -18.86 4.75 23.14
C1 RET C . 7.75 1.03 -6.62
C2 RET C . 8.95 1.03 -7.66
C3 RET C . 8.99 2.06 -8.68
C4 RET C . 8.69 3.47 -8.19
C5 RET C . 7.53 3.58 -7.20
C6 RET C . 7.05 2.50 -6.46
C7 RET C . 5.86 2.70 -5.47
C8 RET C . 5.38 1.90 -4.51
C9 RET C . 4.40 2.19 -3.48
C10 RET C . 3.84 1.12 -2.85
C11 RET C . 2.89 1.08 -1.75
C12 RET C . 2.60 -0.03 -1.05
C13 RET C . 1.62 -0.25 0.03
C14 RET C . 1.48 -1.55 0.36
C15 RET C . 0.61 -2.25 1.24
C16 RET C . 6.79 -0.03 -7.19
C17 RET C . 8.38 0.47 -5.35
C18 RET C . 7.02 5.03 -7.19
C19 RET C . 4.10 3.64 -3.18
C20 RET C . 0.86 0.89 0.69
C1 UND D . 5.50 4.79 19.66
C2 UND D . 4.10 4.67 19.15
C3 UND D . 4.10 4.74 17.65
C4 UND D . 2.89 5.31 17.09
C5 UND D . 3.03 5.97 15.75
C6 UND D . 1.73 6.53 15.36
C7 UND D . 1.61 7.48 14.21
C8 UND D . 0.13 7.88 14.01
C9 UND D . -0.55 8.52 15.21
C10 UND D . -2.01 8.89 15.07
C11 UND D . -2.31 10.24 15.63
C1 OCT E . 14.70 -5.48 13.64
C2 OCT E . 15.68 -6.14 12.72
C3 OCT E . 17.00 -6.57 13.35
C4 OCT E . 18.21 -6.66 12.49
C5 OCT E . 18.01 -7.08 11.04
C6 OCT E . 19.26 -7.23 10.20
C7 OCT E . 19.39 -8.57 9.47
C8 OCT E . 20.78 -9.09 9.24
C1 HEX F . 9.75 -3.94 12.62
C2 HEX F . 10.03 -5.38 12.38
C3 HEX F . 10.09 -6.21 13.64
C4 HEX F . 11.03 -7.37 13.56
C5 HEX F . 11.99 -7.49 14.74
C6 HEX F . 12.96 -8.66 14.65
C1 HEX G . 0.40 -6.25 13.50
C2 HEX G . -0.58 -6.83 14.38
C3 HEX G . -1.97 -6.39 14.07
C4 HEX G . -2.86 -6.28 15.21
C5 HEX G . -2.81 -4.97 15.91
C6 HEX G . -3.76 -4.93 17.08
C1 HEX H . -5.20 -2.98 -12.65
C2 HEX H . -6.06 -2.33 -11.70
C3 HEX H . -7.40 -2.05 -12.29
C4 HEX H . -8.10 -0.84 -11.77
C5 HEX H . -9.59 -1.07 -11.66
C6 HEX H . -10.38 0.11 -11.11
C1 TRD I . 11.26 -0.63 13.81
C2 TRD I . 10.38 -0.15 14.91
C3 TRD I . 9.24 -1.05 15.36
C4 TRD I . 8.09 -0.28 15.88
C5 TRD I . 6.92 -1.06 16.37
C6 TRD I . 5.79 -0.20 16.84
C7 TRD I . 4.48 -0.87 17.21
C8 TRD I . 3.42 0.12 17.69
C9 TRD I . 2.47 -0.36 18.75
C10 TRD I . 1.47 0.69 19.17
C11 TRD I . 1.71 1.36 20.53
C12 TRD I . 0.67 2.40 20.92
C13 TRD I . 0.95 3.17 22.17
C1 OCT J . 9.43 16.08 -5.58
C2 OCT J . 9.47 17.15 -4.48
C3 OCT J . 8.40 16.94 -3.43
C4 OCT J . 7.81 18.12 -2.64
C5 OCT J . 8.31 19.55 -2.85
C6 OCT J . 7.58 20.55 -1.95
C7 OCT J . 6.07 20.64 -2.14
C8 OCT J . 5.39 22.00 -1.88
C1 HEX K . 7.91 13.21 -2.30
C2 HEX K . 8.76 12.21 -2.93
C3 HEX K . 9.35 11.27 -1.91
C4 HEX K . 10.68 10.68 -2.22
C5 HEX K . 10.59 9.40 -2.95
C6 HEX K . 11.92 8.82 -3.27
C1 OCT L . 21.66 -4.21 9.21
C2 OCT L . 20.31 -4.01 9.80
C3 OCT L . 19.35 -3.09 9.09
C4 OCT L . 18.43 -2.50 10.06
C5 OCT L . 16.97 -2.62 9.76
C6 OCT L . 16.12 -2.05 10.84
C7 OCT L . 14.68 -2.54 10.96
C8 OCT L . 13.72 -1.48 11.57
C1 UND M . 14.96 6.13 -24.19
C2 UND M . 14.00 6.89 -23.31
C3 UND M . 12.64 7.08 -23.82
C4 UND M . 11.90 8.30 -23.35
C5 UND M . 11.22 8.08 -22.04
C6 UND M . 10.39 9.16 -21.38
C7 UND M . 10.67 9.21 -19.89
C8 UND M . 9.90 10.20 -19.04
C9 UND M . 10.32 10.16 -17.57
C10 UND M . 9.59 11.04 -16.56
C11 UND M . 9.98 12.50 -16.55
C1 UND N . 5.65 4.39 18.53
C2 UND N . 4.61 4.14 17.46
C3 UND N . 4.98 4.65 16.09
C4 UND N . 3.81 5.06 15.25
C5 UND N . 3.93 6.34 14.49
C6 UND N . 2.69 6.68 13.69
C7 UND N . 2.49 8.13 13.34
C8 UND N . 1.23 8.41 12.56
C9 UND N . -0.01 8.34 13.40
C10 UND N . -1.31 8.60 12.71
C11 UND N . -2.51 8.57 13.63
C1 OCT O . 15.66 -4.58 12.47
C2 OCT O . 16.76 -5.45 11.99
C3 OCT O . 16.63 -6.91 12.36
C4 OCT O . 17.89 -7.66 12.53
C5 OCT O . 18.57 -8.05 11.24
C6 OCT O . 19.85 -8.81 11.36
C7 OCT O . 20.89 -8.45 10.34
C8 OCT O . 21.80 -9.57 9.95
C1 HEX P . 9.02 -4.75 14.42
C2 HEX P . 10.41 -5.11 14.15
C3 HEX P . 10.62 -6.05 12.99
C4 HEX P . 11.81 -6.95 13.14
C5 HEX P . 11.50 -8.28 13.75
C6 HEX P . 12.69 -9.20 13.90
C1 HEX Q . -0.06 -7.34 13.60
C2 HEX Q . -1.10 -7.93 14.43
C3 HEX Q . -2.44 -7.27 14.33
C4 HEX Q . -3.26 -7.35 15.58
C5 HEX Q . -3.46 -6.03 16.27
C6 HEX Q . -4.29 -6.09 17.52
C1 HEX R . -5.12 -3.65 -11.25
C2 HEX R . -6.14 -3.10 -10.38
C3 HEX R . -7.09 -2.19 -11.07
C4 HEX R . -7.68 -1.11 -10.22
C5 HEX R . -9.18 -1.16 -10.21
C6 HEX R . -9.84 -0.08 -9.40
C1 TRD S . 10.91 0.79 13.98
C2 TRD S . 9.94 1.09 15.08
C3 TRD S . 8.69 0.27 15.06
C4 TRD S . 7.47 0.92 15.62
C5 TRD S . 6.42 -0.02 16.16
C6 TRD S . 5.23 0.67 16.73
C7 TRD S . 3.89 0.10 16.37
C8 TRD S . 2.74 0.84 16.97
C9 TRD S . 1.39 0.20 16.86
C10 TRD S . 0.26 0.97 17.47
C11 TRD S . 0.32 1.17 18.96
C12 TRD S . -0.81 1.96 19.59
C13 TRD S . -0.78 2.00 21.09
C1 TRD T . -12.34 0.87 -16.52
C2 TRD T . -13.14 1.87 -15.73
C3 TRD T . -14.19 1.29 -14.84
C4 TRD T . -15.36 2.21 -14.66
C5 TRD T . -16.73 1.59 -14.63
C6 TRD T . -17.81 2.61 -14.49
C7 TRD T . -19.18 2.20 -14.93
C8 TRD T . -20.27 3.23 -14.83
C9 TRD T . -20.29 4.12 -13.62
C10 TRD T . -21.39 5.15 -13.58
C11 TRD T . -21.14 6.37 -14.42
C12 TRD T . -22.23 7.41 -14.39
C13 TRD T . -21.75 8.80 -14.16
C1 OCT U . 9.73 15.63 -4.58
C2 OCT U . 9.20 15.86 -3.19
C3 OCT U . 7.69 16.04 -3.12
C4 OCT U . 7.21 16.91 -1.98
C5 OCT U . 7.11 18.38 -2.30
C6 OCT U . 6.64 19.26 -1.19
C7 OCT U . 5.50 20.19 -1.55
C8 OCT U . 5.48 21.48 -0.79
C1 OCT V . 9.99 -22.50 12.71
C2 OCT V . 9.32 -21.38 13.45
C3 OCT V . 8.15 -21.81 14.30
C4 OCT V . 7.08 -20.78 14.50
C5 OCT V . 5.69 -21.32 14.46
C6 OCT V . 4.59 -20.33 14.64
C7 OCT V . 3.32 -20.88 15.25
C8 OCT V . 2.07 -20.20 14.80
C1 HEX W . 3.20 -10.19 -13.72
C2 HEX W . 2.13 -9.56 -12.93
C3 HEX W . 1.53 -10.43 -11.87
C4 HEX W . 0.08 -10.14 -11.56
C5 HEX W . -0.88 -11.09 -12.22
C6 HEX W . -2.33 -10.83 -11.92
C1 OCT X . 21.90 -3.19 8.29
C2 OCT X . 20.48 -3.59 8.46
C3 OCT X . 19.49 -2.46 8.33
C4 OCT X . 18.25 -2.60 9.12
C5 OCT X . 17.14 -1.68 8.75
C6 OCT X . 15.89 -1.84 9.56
C7 OCT X . 14.63 -1.35 8.92
C8 OCT X . 13.59 -0.89 9.87
C1 UND Y . 14.31 5.95 -25.11
C2 UND Y . 14.08 6.99 -24.06
C3 UND Y . 12.99 6.66 -23.08
C4 UND Y . 12.29 7.84 -22.51
C5 UND Y . 12.63 8.14 -21.09
C6 UND Y . 11.96 9.35 -20.52
C7 UND Y . 11.37 9.23 -19.16
C8 UND Y . 10.72 10.50 -18.69
C9 UND Y . 9.32 10.41 -18.18
C10 UND Y . 8.72 11.73 -17.73
C11 UND Y . 8.38 11.82 -16.26
C1 RET Z . 7.60 0.91 -6.67
C2 RET Z . 8.81 0.86 -7.68
C3 RET Z . 9.44 2.10 -8.13
C4 RET Z . 8.61 3.40 -8.17
C5 RET Z . 7.44 3.48 -7.20
C6 RET Z . 6.94 2.39 -6.49
C7 RET Z . 5.77 2.56 -5.55
C8 RET Z . 4.98 1.85 -4.70
C9 RET Z . 4.10 2.34 -3.66
C10 RET Z . 3.40 1.41 -3.02
C11 RET Z . 2.50 1.47 -1.86
C12 RET Z . 2.17 0.55 -0.97
C13 RET Z . 1.26 0.76 0.17
C14 RET Z . 0.71 -0.35 0.83
C15 RET Z . 0.68 -1.77 0.50
C16 RET Z . 6.52 -0.05 -7.19
C17 RET Z . 8.27 0.32 -5.40
C18 RET Z . 6.97 4.94 -7.19
C19 RET Z . 4.05 3.78 -3.34
C20 RET Z . 0.93 2.22 0.58
C1 OCT AA . -8.67 2.42 -14.37
C2 OCT AA . -7.17 2.13 -14.39
C3 OCT AA . -6.67 1.39 -15.55
C4 OCT AA . -5.48 0.54 -15.30
C5 OCT AA . -4.33 0.82 -16.26
C6 OCT AA . -3.04 0.03 -16.16
C7 OCT AA . -1.80 0.89 -16.10
C8 OCT AA . -0.55 0.31 -16.74
C1 OCT BA . 10.06 16.54 4.19
C2 OCT BA . 8.65 17.08 4.19
C3 OCT BA . 8.04 17.43 5.56
C4 OCT BA . 6.52 17.24 5.58
C5 OCT BA . 5.65 18.29 6.23
C6 OCT BA . 4.15 17.97 6.15
C7 OCT BA . 3.20 18.80 7.07
C8 OCT BA . 1.97 18.00 7.52
C1 TRD CA . -5.44 -14.31 7.30
C2 TRD CA . -6.82 -14.67 6.85
C3 TRD CA . -6.86 -15.16 5.43
C4 TRD CA . -8.14 -14.85 4.77
C5 TRD CA . -8.79 -15.89 3.86
C6 TRD CA . -10.13 -15.50 3.27
C7 TRD CA . -10.34 -14.01 3.38
C8 TRD CA . -11.57 -13.32 2.92
C9 TRD CA . -11.44 -11.86 3.34
C10 TRD CA . -12.56 -10.86 3.04
C11 TRD CA . -12.28 -9.53 3.74
C12 TRD CA . -13.23 -8.37 3.61
C13 TRD CA . -14.60 -8.71 4.03
C1 OCT DA . 2.01 -16.01 15.60
C2 OCT DA . 1.50 -14.62 15.83
C3 OCT DA . 1.50 -14.21 17.30
C4 OCT DA . 0.43 -13.19 17.71
C5 OCT DA . 0.09 -13.12 19.20
C6 OCT DA . -0.96 -12.11 19.59
C7 OCT DA . -0.42 -10.78 20.10
C8 OCT DA . -1.26 -10.03 21.08
C1 UND EA . -9.34 -12.19 16.45
C2 UND EA . -9.12 -13.46 15.61
C3 UND EA . -8.72 -14.69 16.40
C4 UND EA . -7.85 -15.70 15.73
C5 UND EA . -6.99 -16.49 16.71
C6 UND EA . -6.09 -17.56 16.13
C7 UND EA . -4.84 -17.15 15.34
C8 UND EA . -4.04 -18.34 14.87
C9 UND EA . -2.66 -18.49 15.42
C10 UND EA . -1.93 -19.72 14.94
C11 UND EA . -1.51 -20.69 16.06
C1 TRD FA . -12.16 0.19 -16.90
C2 TRD FA . -13.32 0.82 -16.16
C3 TRD FA . -14.68 0.52 -16.69
C4 TRD FA . -15.68 1.61 -16.44
C5 TRD FA . -16.89 1.22 -15.64
C6 TRD FA . -17.81 2.37 -15.35
C7 TRD FA . -18.44 2.37 -13.95
C8 TRD FA . -19.37 3.55 -13.66
C9 TRD FA . -19.61 3.91 -12.21
C10 TRD FA . -20.51 5.15 -11.96
C11 TRD FA . -19.92 6.41 -12.52
C12 TRD FA . -20.69 7.70 -12.31
C13 TRD FA . -20.64 8.64 -13.48
C1 UND GA . 24.51 6.58 -1.78
C2 UND GA . 23.09 6.84 -1.38
C3 UND GA . 22.13 7.09 -2.50
C4 UND GA . 20.95 8.02 -2.22
C5 UND GA . 21.03 8.96 -1.03
C6 UND GA . 19.81 9.81 -0.86
C7 UND GA . 19.71 10.65 0.39
C8 UND GA . 18.38 11.44 0.44
C9 UND GA . 17.46 10.92 1.49
C10 UND GA . 16.10 11.54 1.63
C11 UND GA . 15.11 10.98 0.61
C1 OCT HA . 15.40 8.94 -5.86
C2 OCT HA . 14.53 9.99 -5.22
C3 OCT HA . 14.62 11.43 -5.69
C4 OCT HA . 14.32 12.45 -4.55
C5 OCT HA . 12.83 12.65 -4.27
C6 OCT HA . 12.40 13.61 -3.12
C7 OCT HA . 13.23 13.58 -1.86
C8 OCT HA . 12.41 13.82 -0.55
C1 HEX IA . -14.35 -12.85 18.86
C2 HEX IA . -14.86 -12.13 20.05
C3 HEX IA . -15.68 -10.85 19.76
C4 HEX IA . -15.59 -9.74 20.86
C5 HEX IA . -16.67 -8.61 20.89
C6 HEX IA . -16.48 -7.59 22.00
C1 OCT JA . 9.36 -25.14 13.60
C2 OCT JA . 8.14 -24.32 13.48
C3 OCT JA . 8.26 -23.17 12.45
C4 OCT JA . 7.46 -21.93 12.84
C5 OCT JA . 5.92 -22.01 12.91
C6 OCT JA . 5.30 -20.72 13.36
C7 OCT JA . 4.02 -20.28 12.79
C8 OCT JA . 3.93 -18.76 12.77
C1 HEX KA . 4.13 -11.99 -12.78
C2 HEX KA . 2.78 -11.54 -12.27
C3 HEX KA . 1.82 -12.60 -11.80
C4 HEX KA . 0.35 -12.26 -11.97
C5 HEX KA . -0.63 -12.95 -11.03
C6 HEX KA . -2.07 -12.54 -11.27
C1 OCT LA . -9.29 2.39 -14.19
C2 OCT LA . -7.80 2.54 -14.06
C3 OCT LA . -7.01 1.71 -15.02
C4 OCT LA . -5.65 1.28 -14.56
C5 OCT LA . -4.56 1.53 -15.57
C6 OCT LA . -3.17 1.11 -15.17
C7 OCT LA . -2.27 0.71 -16.32
C8 OCT LA . -1.24 -0.31 -15.98
C1 OCT MA . 7.88 14.05 3.72
C2 OCT MA . 7.13 15.22 4.29
C3 OCT MA . 6.44 14.93 5.59
C4 OCT MA . 5.19 15.70 5.88
C5 OCT MA . 5.24 16.45 7.17
C6 OCT MA . 4.02 17.26 7.53
C7 OCT MA . 4.14 18.12 8.76
C8 OCT MA . 2.84 18.33 9.51
C1 TRD NA . -5.46 -16.06 7.98
C2 TRD NA . -6.94 -16.07 7.73
C3 TRD NA . -7.34 -15.98 6.29
C4 TRD NA . -8.65 -15.31 6.08
C5 TRD NA . -9.60 -15.94 5.10
C6 TRD NA . -10.89 -15.17 5.00
C7 TRD NA . -11.00 -14.16 3.90
C8 TRD NA . -12.31 -13.43 3.88
C9 TRD NA . -12.17 -11.93 3.86
C10 TRD NA . -13.44 -11.12 3.88
C11 TRD NA . -13.42 -10.03 4.90
C12 TRD NA . -14.62 -9.16 5.01
C13 TRD NA . -14.79 -8.53 6.37
C1 OCT OA . 1.84 -16.58 16.63
C2 OCT OA . 1.49 -15.31 17.34
C3 OCT OA . 0.05 -14.93 17.25
C4 OCT OA . -0.23 -13.46 17.28
C5 OCT OA . -1.42 -13.04 18.07
C6 OCT OA . -1.69 -11.56 18.08
C7 OCT OA . -1.08 -10.79 19.21
C8 OCT OA . -1.86 -9.59 19.60
C1 UND PA . -9.68 -13.16 17.48
C2 UND PA . -9.34 -14.02 16.28
C3 UND PA . -10.15 -15.29 16.14
C4 UND PA . -9.40 -16.39 15.48
C5 UND PA . -8.77 -17.37 16.42
C6 UND PA . -7.98 -18.47 15.78
C7 UND PA . -6.61 -18.03 15.34
C8 UND PA . -5.72 -19.05 14.71
C9 UND PA . -4.49 -19.34 15.51
C10 UND PA . -3.53 -20.35 14.94
C11 UND PA . -2.47 -20.79 15.90
C1 UND QA . 23.12 6.64 -1.44
C2 UND QA . 21.89 6.47 -0.62
C3 UND QA . 20.62 6.83 -1.37
C4 UND QA . 19.51 7.35 -0.54
C5 UND QA . 19.37 8.85 -0.57
C6 UND QA . 18.25 9.40 0.26
C7 UND QA . 18.49 10.77 0.82
C8 UND QA . 17.38 11.33 1.65
C9 UND QA . 16.33 12.06 0.87
C10 UND QA . 15.20 12.63 1.68
C11 UND QA . 13.84 12.20 1.20
C1 OCT RA . 16.73 9.49 -6.30
C2 OCT RA . 15.97 10.58 -5.60
C3 OCT RA . 15.10 11.40 -6.51
C4 OCT RA . 14.90 12.82 -6.10
C5 OCT RA . 13.83 13.04 -5.07
C6 OCT RA . 13.63 14.44 -4.64
C7 OCT RA . 14.20 14.77 -3.28
C8 OCT RA . 13.46 15.84 -2.54
C1 HEX SA . -13.58 -12.56 20.24
C2 HEX SA . -13.36 -11.23 20.84
C3 HEX SA . -14.45 -10.23 20.58
C4 HEX SA . -14.02 -8.79 20.54
C5 HEX SA . -15.11 -7.82 20.89
C6 HEX SA . -14.71 -6.38 20.86
C1 HEX TA . 8.22 12.66 -1.39
C2 HEX TA . 9.54 12.36 -1.98
C3 HEX TA . 9.48 11.54 -3.23
C4 HEX TA . 10.68 10.66 -3.43
C5 HEX TA . 10.82 10.15 -4.82
C6 HEX TA . 12.02 9.28 -5.04
#